data_5HOK
#
_entry.id   5HOK
#
_cell.length_a   37.239
_cell.length_b   96.338
_cell.length_c   96.724
_cell.angle_alpha   90.00
_cell.angle_beta   90.00
_cell.angle_gamma   90.00
#
_symmetry.space_group_name_H-M   'P 21 21 21'
#
loop_
_entity.id
_entity.type
_entity.pdbx_description
1 polymer 'Magnetosome protein MamB'
2 non-polymer 'MAGNESIUM ION'
3 water water
#
_entity_poly.entity_id   1
_entity_poly.type   'polypeptide(L)'
_entity_poly.pdbx_seq_one_letter_code
;GSHMNDVLVDAYNIAKDSQHVHGVHYIRGRNVGEDVHLAINIYVDADLKVFESDLVADAIRRKIEAEVDHVRDVHVGVTP
VRIAA
;
_entity_poly.pdbx_strand_id   A,B,C,D
#
loop_
_chem_comp.id
_chem_comp.type
_chem_comp.name
_chem_comp.formula
MG non-polymer 'MAGNESIUM ION' 'Mg 2'
#
# COMPACT_ATOMS: atom_id res chain seq x y z
N SER A 2 -28.41 12.74 4.48
CA SER A 2 -27.43 12.70 3.33
C SER A 2 -26.35 11.63 3.50
N HIS A 3 -26.21 11.10 4.71
CA HIS A 3 -25.11 10.22 4.95
C HIS A 3 -25.44 8.79 4.54
N MET A 4 -26.72 8.46 4.26
CA MET A 4 -27.06 7.07 3.95
C MET A 4 -26.24 6.55 2.79
N ASN A 5 -26.07 7.36 1.76
CA ASN A 5 -25.39 6.85 0.55
C ASN A 5 -23.93 6.43 0.83
N ASP A 6 -23.22 7.25 1.59
CA ASP A 6 -21.83 6.90 1.98
C ASP A 6 -21.78 5.72 2.91
N VAL A 7 -22.70 5.65 3.87
CA VAL A 7 -22.72 4.55 4.81
C VAL A 7 -22.90 3.24 4.07
N LEU A 8 -23.91 3.20 3.22
CA LEU A 8 -24.28 1.91 2.55
C LEU A 8 -23.15 1.44 1.62
N VAL A 9 -22.58 2.36 0.86
CA VAL A 9 -21.50 1.98 -0.07
C VAL A 9 -20.27 1.49 0.69
N ASP A 10 -19.83 2.28 1.68
CA ASP A 10 -18.63 1.95 2.43
C ASP A 10 -18.77 0.65 3.22
N ALA A 11 -19.93 0.44 3.83
CA ALA A 11 -20.17 -0.77 4.59
C ALA A 11 -20.25 -2.03 3.72
N TYR A 12 -20.93 -1.91 2.58
CA TYR A 12 -21.04 -3.00 1.62
C TYR A 12 -19.64 -3.38 1.11
N ASN A 13 -18.85 -2.37 0.80
CA ASN A 13 -17.50 -2.62 0.27
C ASN A 13 -16.60 -3.29 1.31
N ILE A 14 -16.73 -2.94 2.59
CA ILE A 14 -16.02 -3.63 3.64
C ILE A 14 -16.45 -5.11 3.70
N ALA A 15 -17.74 -5.32 3.80
CA ALA A 15 -18.28 -6.68 4.01
C ALA A 15 -17.93 -7.59 2.83
N LYS A 16 -18.08 -7.09 1.61
CA LYS A 16 -18.01 -7.96 0.44
C LYS A 16 -16.64 -8.57 0.28
N ASP A 17 -15.61 -7.89 0.75
CA ASP A 17 -14.22 -8.38 0.58
C ASP A 17 -13.55 -8.87 1.85
N SER A 18 -14.34 -9.13 2.86
CA SER A 18 -13.87 -9.71 4.10
C SER A 18 -13.66 -11.22 3.96
N GLN A 19 -12.75 -11.75 4.77
CA GLN A 19 -12.45 -13.19 4.74
C GLN A 19 -13.69 -14.02 4.98
N HIS A 20 -13.84 -15.10 4.19
CA HIS A 20 -14.92 -16.07 4.30
C HIS A 20 -16.27 -15.58 3.82
N VAL A 21 -16.37 -14.38 3.28
CA VAL A 21 -17.60 -13.91 2.73
C VAL A 21 -17.79 -14.38 1.29
N HIS A 22 -18.76 -15.25 1.07
CA HIS A 22 -19.07 -15.75 -0.27
C HIS A 22 -19.75 -14.69 -1.10
N GLY A 23 -20.43 -13.78 -0.45
CA GLY A 23 -21.08 -12.64 -1.10
C GLY A 23 -21.95 -12.01 -0.04
N VAL A 24 -22.37 -10.77 -0.28
CA VAL A 24 -23.38 -10.16 0.62
C VAL A 24 -24.77 -10.68 0.23
N HIS A 25 -25.55 -11.07 1.22
CA HIS A 25 -26.91 -11.45 1.03
C HIS A 25 -27.82 -10.21 0.98
N TYR A 26 -27.82 -9.46 2.06
CA TYR A 26 -28.61 -8.20 2.10
C TYR A 26 -27.98 -7.13 2.96
N ILE A 27 -28.42 -5.89 2.72
CA ILE A 27 -27.96 -4.74 3.45
C ILE A 27 -29.17 -3.83 3.67
N ARG A 28 -29.30 -3.31 4.88
CA ARG A 28 -30.45 -2.46 5.25
C ARG A 28 -29.93 -1.25 6.02
N GLY A 29 -30.36 -0.07 5.61
CA GLY A 29 -30.02 1.17 6.32
C GLY A 29 -31.27 1.85 6.78
N ARG A 30 -31.31 2.29 8.04
CA ARG A 30 -32.47 2.98 8.60
C ARG A 30 -32.00 4.31 9.15
N ASN A 31 -32.66 5.38 8.73
CA ASN A 31 -32.34 6.68 9.27
C ASN A 31 -33.04 6.81 10.61
N VAL A 32 -32.28 7.21 11.64
CA VAL A 32 -32.85 7.54 12.94
C VAL A 32 -32.27 8.92 13.32
N GLY A 33 -33.04 9.98 13.11
CA GLY A 33 -32.49 11.33 13.22
C GLY A 33 -31.30 11.50 12.28
N GLU A 34 -30.17 11.96 12.80
CA GLU A 34 -28.90 12.07 12.04
C GLU A 34 -28.10 10.79 11.96
N ASP A 35 -28.57 9.73 12.61
CA ASP A 35 -27.82 8.47 12.71
C ASP A 35 -28.35 7.50 11.65
N VAL A 36 -27.48 6.63 11.17
CA VAL A 36 -27.90 5.51 10.34
C VAL A 36 -27.69 4.24 11.13
N HIS A 37 -28.74 3.43 11.26
CA HIS A 37 -28.60 2.07 11.81
C HIS A 37 -28.49 1.11 10.63
N LEU A 38 -27.51 0.22 10.70
CA LEU A 38 -27.16 -0.64 9.61
C LEU A 38 -27.29 -2.13 10.01
N ALA A 39 -27.87 -2.95 9.13
CA ALA A 39 -27.88 -4.42 9.25
C ALA A 39 -27.38 -5.01 7.97
N ILE A 40 -26.40 -5.92 8.08
CA ILE A 40 -25.84 -6.55 6.91
CA ILE A 40 -25.81 -6.58 6.91
C ILE A 40 -25.85 -8.04 7.18
N ASN A 41 -26.15 -8.81 6.14
CA ASN A 41 -26.15 -10.28 6.25
C ASN A 41 -25.24 -10.80 5.13
N ILE A 42 -24.27 -11.65 5.51
CA ILE A 42 -23.26 -12.20 4.60
C ILE A 42 -23.50 -13.69 4.40
N TYR A 43 -23.32 -14.15 3.18
CA TYR A 43 -23.28 -15.59 2.88
C TYR A 43 -21.90 -16.14 3.27
N VAL A 44 -21.94 -17.24 4.02
CA VAL A 44 -20.73 -17.94 4.46
C VAL A 44 -20.92 -19.42 4.24
N ASP A 45 -19.81 -20.11 4.01
CA ASP A 45 -19.83 -21.58 3.87
C ASP A 45 -20.60 -22.26 5.01
N ALA A 46 -21.60 -23.06 4.64
CA ALA A 46 -22.47 -23.80 5.57
C ALA A 46 -21.64 -24.67 6.53
N ASP A 47 -20.49 -25.15 6.03
CA ASP A 47 -19.67 -26.12 6.79
C ASP A 47 -18.55 -25.52 7.64
N LEU A 48 -18.37 -24.20 7.60
CA LEU A 48 -17.50 -23.48 8.55
C LEU A 48 -18.00 -23.76 9.96
N LYS A 49 -17.11 -23.75 10.94
CA LYS A 49 -17.55 -23.81 12.31
C LYS A 49 -18.19 -22.46 12.71
N VAL A 50 -19.18 -22.56 13.60
CA VAL A 50 -19.83 -21.33 14.08
C VAL A 50 -18.85 -20.38 14.76
N PHE A 51 -17.83 -20.87 15.44
N PHE A 51 -17.82 -20.87 15.45
CA PHE A 51 -16.83 -19.99 16.04
CA PHE A 51 -16.82 -19.99 16.06
C PHE A 51 -16.12 -19.15 14.97
C PHE A 51 -16.12 -19.16 14.98
N GLU A 52 -15.90 -19.73 13.81
CA GLU A 52 -15.25 -19.04 12.72
CA GLU A 52 -15.25 -19.03 12.72
C GLU A 52 -16.17 -17.99 12.08
N SER A 53 -17.44 -18.36 11.81
CA SER A 53 -18.38 -17.43 11.21
C SER A 53 -18.63 -16.26 12.18
N ASP A 54 -18.72 -16.56 13.44
CA ASP A 54 -18.87 -15.53 14.48
C ASP A 54 -17.73 -14.54 14.49
N LEU A 55 -16.50 -15.04 14.37
CA LEU A 55 -15.32 -14.14 14.28
C LEU A 55 -15.39 -13.24 13.06
N VAL A 56 -15.81 -13.79 11.93
CA VAL A 56 -15.96 -13.01 10.69
C VAL A 56 -16.97 -11.91 10.89
N ALA A 57 -18.14 -12.24 11.43
CA ALA A 57 -19.19 -11.23 11.66
C ALA A 57 -18.74 -10.12 12.60
N ASP A 58 -18.02 -10.49 13.66
CA ASP A 58 -17.51 -9.54 14.62
C ASP A 58 -16.43 -8.63 13.98
N ALA A 59 -15.57 -9.20 13.16
CA ALA A 59 -14.52 -8.41 12.50
C ALA A 59 -15.11 -7.39 11.53
N ILE A 60 -16.14 -7.79 10.82
CA ILE A 60 -16.84 -6.89 9.86
C ILE A 60 -17.50 -5.76 10.64
N ARG A 61 -18.18 -6.12 11.73
CA ARG A 61 -18.81 -5.12 12.55
CA ARG A 61 -18.82 -5.13 12.56
C ARG A 61 -17.80 -4.11 13.07
N ARG A 62 -16.69 -4.60 13.62
CA ARG A 62 -15.65 -3.74 14.17
C ARG A 62 -15.11 -2.78 13.09
N LYS A 63 -14.86 -3.33 11.92
CA LYS A 63 -14.24 -2.54 10.87
C LYS A 63 -15.20 -1.48 10.34
N ILE A 64 -16.46 -1.83 10.21
CA ILE A 64 -17.48 -0.82 9.76
C ILE A 64 -17.59 0.27 10.84
N GLU A 65 -17.69 -0.12 12.10
CA GLU A 65 -17.75 0.87 13.18
C GLU A 65 -16.55 1.78 13.21
N ALA A 66 -15.37 1.25 12.94
CA ALA A 66 -14.14 2.02 12.96
C ALA A 66 -13.99 2.97 11.81
N GLU A 67 -14.46 2.56 10.64
CA GLU A 67 -14.11 3.26 9.39
C GLU A 67 -15.25 4.07 8.77
N VAL A 68 -16.48 3.77 9.10
CA VAL A 68 -17.61 4.39 8.40
C VAL A 68 -18.23 5.45 9.30
N ASP A 69 -18.23 6.68 8.82
CA ASP A 69 -18.86 7.80 9.57
C ASP A 69 -20.39 7.69 9.60
N HIS A 70 -20.98 8.18 10.67
CA HIS A 70 -22.43 8.35 10.78
C HIS A 70 -23.21 7.08 11.01
N VAL A 71 -22.53 5.97 11.20
CA VAL A 71 -23.23 4.76 11.44
C VAL A 71 -23.23 4.63 12.93
N ARG A 72 -24.39 4.27 13.47
CA ARG A 72 -24.51 4.11 14.87
C ARG A 72 -24.49 2.63 15.05
N ASP A 73 -25.63 1.97 15.15
CA ASP A 73 -25.63 0.56 15.43
C ASP A 73 -25.35 -0.19 14.16
N VAL A 74 -24.53 -1.22 14.30
CA VAL A 74 -24.23 -2.14 13.23
C VAL A 74 -24.46 -3.57 13.66
N HIS A 75 -25.26 -4.28 12.88
CA HIS A 75 -25.48 -5.71 13.09
C HIS A 75 -25.05 -6.45 11.87
N VAL A 76 -24.29 -7.54 12.06
CA VAL A 76 -23.80 -8.39 10.96
C VAL A 76 -24.29 -9.81 11.23
N GLY A 77 -25.14 -10.33 10.36
CA GLY A 77 -25.69 -11.68 10.46
C GLY A 77 -25.10 -12.52 9.32
N VAL A 78 -25.31 -13.81 9.45
CA VAL A 78 -24.75 -14.78 8.53
C VAL A 78 -25.81 -15.70 8.01
N THR A 79 -25.76 -16.00 6.72
CA THR A 79 -26.64 -16.93 6.07
C THR A 79 -25.75 -18.05 5.53
N PRO A 80 -26.02 -19.30 5.92
CA PRO A 80 -25.19 -20.39 5.37
C PRO A 80 -25.47 -20.64 3.88
N VAL A 81 -24.43 -21.02 3.13
CA VAL A 81 -24.60 -21.44 1.74
C VAL A 81 -23.76 -22.67 1.49
N ARG A 82 -24.32 -23.60 0.75
CA ARG A 82 -23.57 -24.79 0.29
C ARG A 82 -22.67 -24.40 -0.87
N ILE A 83 -21.39 -24.65 -0.72
CA ILE A 83 -20.37 -24.22 -1.68
C ILE A 83 -20.15 -25.39 -2.66
N ALA A 84 -20.25 -25.11 -3.95
CA ALA A 84 -20.06 -26.10 -5.00
C ALA A 84 -18.58 -26.39 -5.20
N GLY B 1 -7.86 20.85 -0.39
CA GLY B 1 -7.13 20.79 -1.71
C GLY B 1 -6.35 19.50 -1.91
N SER B 2 -5.54 19.14 -0.92
CA SER B 2 -4.74 17.91 -0.94
C SER B 2 -5.60 16.72 -0.55
N HIS B 3 -5.44 15.65 -1.30
CA HIS B 3 -6.19 14.46 -1.10
C HIS B 3 -5.38 13.37 -0.39
N MET B 4 -4.17 13.71 0.02
CA MET B 4 -3.24 12.72 0.53
C MET B 4 -3.81 12.03 1.76
N ASN B 5 -4.40 12.79 2.68
CA ASN B 5 -4.83 12.19 3.94
C ASN B 5 -5.90 11.11 3.75
N ASP B 6 -6.88 11.38 2.89
CA ASP B 6 -7.91 10.36 2.58
C ASP B 6 -7.33 9.17 1.82
N VAL B 7 -6.42 9.42 0.86
CA VAL B 7 -5.82 8.38 0.07
C VAL B 7 -5.07 7.40 1.00
N LEU B 8 -4.23 7.94 1.86
CA LEU B 8 -3.37 7.11 2.69
C LEU B 8 -4.18 6.30 3.69
N VAL B 9 -5.16 6.94 4.33
CA VAL B 9 -5.96 6.23 5.35
C VAL B 9 -6.76 5.12 4.69
N ASP B 10 -7.45 5.45 3.61
CA ASP B 10 -8.32 4.48 2.94
C ASP B 10 -7.52 3.32 2.37
N ALA B 11 -6.38 3.62 1.74
CA ALA B 11 -5.58 2.59 1.15
C ALA B 11 -4.96 1.67 2.22
N TYR B 12 -4.46 2.25 3.29
CA TYR B 12 -3.87 1.48 4.38
C TYR B 12 -4.93 0.53 4.98
N ASN B 13 -6.15 1.06 5.18
CA ASN B 13 -7.22 0.26 5.78
C ASN B 13 -7.62 -0.88 4.87
N ILE B 14 -7.65 -0.66 3.56
CA ILE B 14 -7.88 -1.75 2.63
C ILE B 14 -6.78 -2.83 2.75
N ALA B 15 -5.53 -2.42 2.67
CA ALA B 15 -4.44 -3.35 2.66
C ALA B 15 -4.34 -4.17 3.96
N LYS B 16 -4.51 -3.49 5.09
CA LYS B 16 -4.23 -4.12 6.39
C LYS B 16 -5.16 -5.28 6.67
N ASP B 17 -6.39 -5.24 6.13
CA ASP B 17 -7.37 -6.31 6.41
C ASP B 17 -7.66 -7.23 5.26
N SER B 18 -6.80 -7.18 4.24
CA SER B 18 -6.89 -8.08 3.11
C SER B 18 -6.36 -9.48 3.47
N GLN B 19 -6.88 -10.48 2.78
CA GLN B 19 -6.49 -11.88 3.02
C GLN B 19 -4.97 -12.08 2.85
N HIS B 20 -4.39 -12.83 3.79
CA HIS B 20 -2.97 -13.18 3.81
C HIS B 20 -2.03 -12.06 4.20
N VAL B 21 -2.53 -10.89 4.56
CA VAL B 21 -1.67 -9.82 4.99
C VAL B 21 -1.35 -9.92 6.48
N HIS B 22 -0.09 -10.16 6.82
CA HIS B 22 0.37 -10.23 8.23
CA HIS B 22 0.36 -10.20 8.19
C HIS B 22 0.42 -8.86 8.86
N GLY B 23 0.66 -7.85 8.05
CA GLY B 23 0.68 -6.46 8.52
C GLY B 23 1.20 -5.66 7.36
N VAL B 24 0.98 -4.35 7.41
CA VAL B 24 1.56 -3.48 6.40
C VAL B 24 3.01 -3.22 6.78
N HIS B 25 3.92 -3.31 5.83
CA HIS B 25 5.34 -2.99 6.04
C HIS B 25 5.58 -1.49 5.87
N TYR B 26 5.26 -0.98 4.70
CA TYR B 26 5.35 0.48 4.46
C TYR B 26 4.29 0.99 3.47
N ILE B 27 4.07 2.31 3.52
CA ILE B 27 3.14 2.99 2.63
C ILE B 27 3.81 4.32 2.26
N ARG B 28 3.70 4.69 0.99
CA ARG B 28 4.33 5.91 0.48
C ARG B 28 3.34 6.61 -0.45
N GLY B 29 3.12 7.89 -0.23
CA GLY B 29 2.28 8.71 -1.09
C GLY B 29 3.05 9.89 -1.66
N ARG B 30 2.92 10.13 -2.97
CA ARG B 30 3.60 11.26 -3.64
CA ARG B 30 3.59 11.26 -3.64
C ARG B 30 2.54 12.08 -4.37
N ASN B 31 2.52 13.38 -4.13
CA ASN B 31 1.65 14.26 -4.87
C ASN B 31 2.23 14.49 -6.24
N VAL B 32 1.44 14.28 -7.30
CA VAL B 32 1.84 14.61 -8.68
C VAL B 32 0.67 15.40 -9.28
N GLY B 33 0.80 16.71 -9.32
CA GLY B 33 -0.32 17.58 -9.71
C GLY B 33 -1.52 17.34 -8.78
N GLU B 34 -2.65 17.02 -9.40
CA GLU B 34 -3.88 16.68 -8.69
C GLU B 34 -3.97 15.20 -8.29
N ASP B 35 -2.97 14.38 -8.65
CA ASP B 35 -3.00 12.92 -8.43
C ASP B 35 -2.11 12.57 -7.22
N VAL B 36 -2.40 11.44 -6.58
CA VAL B 36 -1.49 10.84 -5.62
C VAL B 36 -0.98 9.52 -6.17
N HIS B 37 0.32 9.33 -6.22
CA HIS B 37 0.93 8.05 -6.60
C HIS B 37 1.24 7.31 -5.31
N LEU B 38 0.80 6.05 -5.23
CA LEU B 38 0.79 5.28 -4.01
C LEU B 38 1.59 4.00 -4.20
N ALA B 39 2.46 3.71 -3.23
CA ALA B 39 3.17 2.42 -3.13
C ALA B 39 2.93 1.85 -1.76
N ILE B 40 2.54 0.58 -1.70
CA ILE B 40 2.28 -0.10 -0.44
C ILE B 40 3.04 -1.42 -0.49
N ASN B 41 3.60 -1.81 0.63
CA ASN B 41 4.27 -3.09 0.75
C ASN B 41 3.70 -3.81 1.96
N ILE B 42 3.28 -5.07 1.76
CA ILE B 42 2.59 -5.89 2.79
C ILE B 42 3.49 -7.04 3.18
N TYR B 43 3.50 -7.35 4.47
CA TYR B 43 4.10 -8.57 4.97
C TYR B 43 3.18 -9.77 4.67
N VAL B 44 3.74 -10.83 4.08
CA VAL B 44 3.03 -12.08 3.88
C VAL B 44 3.91 -13.22 4.37
N ASP B 45 3.24 -14.34 4.66
CA ASP B 45 3.92 -15.59 5.07
C ASP B 45 4.97 -15.97 4.03
N ALA B 46 6.18 -16.20 4.49
CA ALA B 46 7.31 -16.62 3.65
C ALA B 46 7.02 -17.89 2.85
N ASP B 47 6.11 -18.74 3.35
CA ASP B 47 5.72 -19.97 2.68
C ASP B 47 4.52 -19.89 1.74
N LEU B 48 3.91 -18.72 1.60
CA LEU B 48 2.91 -18.50 0.53
C LEU B 48 3.58 -18.77 -0.81
N LYS B 49 2.82 -19.36 -1.73
CA LYS B 49 3.32 -19.53 -3.10
C LYS B 49 3.27 -18.22 -3.86
N VAL B 50 4.16 -18.05 -4.82
CA VAL B 50 4.18 -16.87 -5.70
CA VAL B 50 4.14 -16.83 -5.63
C VAL B 50 2.81 -16.56 -6.32
N PHE B 51 2.12 -17.61 -6.80
CA PHE B 51 0.80 -17.37 -7.41
C PHE B 51 -0.16 -16.76 -6.41
N GLU B 52 -0.05 -17.18 -5.14
CA GLU B 52 -0.95 -16.69 -4.11
C GLU B 52 -0.61 -15.27 -3.72
N SER B 53 0.68 -14.97 -3.55
CA SER B 53 1.09 -13.60 -3.22
C SER B 53 0.76 -12.65 -4.34
N ASP B 54 0.95 -13.07 -5.59
CA ASP B 54 0.56 -12.28 -6.76
C ASP B 54 -0.93 -11.95 -6.78
N LEU B 55 -1.79 -12.93 -6.47
CA LEU B 55 -3.25 -12.68 -6.34
C LEU B 55 -3.57 -11.66 -5.26
N VAL B 56 -2.91 -11.77 -4.12
CA VAL B 56 -3.17 -10.86 -2.98
C VAL B 56 -2.80 -9.44 -3.36
N ALA B 57 -1.61 -9.27 -3.93
CA ALA B 57 -1.20 -7.93 -4.34
C ALA B 57 -2.12 -7.34 -5.39
N ASP B 58 -2.57 -8.15 -6.34
CA ASP B 58 -3.45 -7.69 -7.39
C ASP B 58 -4.82 -7.32 -6.82
N ALA B 59 -5.33 -8.08 -5.86
CA ALA B 59 -6.62 -7.80 -5.25
C ALA B 59 -6.62 -6.48 -4.48
N ILE B 60 -5.51 -6.20 -3.82
CA ILE B 60 -5.37 -4.97 -3.05
C ILE B 60 -5.27 -3.80 -4.01
N ARG B 61 -4.48 -3.94 -5.06
CA ARG B 61 -4.39 -2.93 -6.09
CA ARG B 61 -4.40 -2.92 -6.08
C ARG B 61 -5.77 -2.62 -6.69
N ARG B 62 -6.54 -3.68 -7.07
CA ARG B 62 -7.84 -3.52 -7.71
C ARG B 62 -8.80 -2.79 -6.76
N LYS B 63 -8.79 -3.15 -5.50
CA LYS B 63 -9.72 -2.59 -4.53
C LYS B 63 -9.39 -1.12 -4.25
N ILE B 64 -8.10 -0.80 -4.12
CA ILE B 64 -7.71 0.60 -3.93
C ILE B 64 -8.11 1.41 -5.13
N GLU B 65 -7.80 0.94 -6.33
CA GLU B 65 -8.18 1.64 -7.56
C GLU B 65 -9.68 1.85 -7.72
N ALA B 66 -10.47 0.87 -7.30
CA ALA B 66 -11.90 0.96 -7.37
C ALA B 66 -12.50 1.92 -6.36
N GLU B 67 -11.91 2.00 -5.17
CA GLU B 67 -12.59 2.65 -4.03
C GLU B 67 -11.99 3.97 -3.57
N VAL B 68 -10.75 4.26 -3.91
CA VAL B 68 -10.03 5.37 -3.31
C VAL B 68 -9.91 6.45 -4.38
N ASP B 69 -10.53 7.59 -4.13
CA ASP B 69 -10.46 8.72 -5.07
C ASP B 69 -9.05 9.29 -5.13
N HIS B 70 -8.67 9.80 -6.29
CA HIS B 70 -7.49 10.63 -6.46
C HIS B 70 -6.23 9.85 -6.56
N VAL B 71 -6.29 8.50 -6.61
CA VAL B 71 -5.08 7.70 -6.71
CA VAL B 71 -5.06 7.72 -6.74
C VAL B 71 -4.72 7.45 -8.20
N ARG B 72 -3.45 7.40 -8.47
CA ARG B 72 -2.91 6.98 -9.74
C ARG B 72 -1.69 6.02 -9.57
N ASP B 73 -1.51 5.07 -10.47
CA ASP B 73 -0.28 4.25 -10.55
C ASP B 73 0.02 3.41 -9.23
N VAL B 74 -1.04 2.82 -8.64
CA VAL B 74 -0.95 2.10 -7.38
C VAL B 74 -0.03 0.90 -7.56
N HIS B 75 0.98 0.80 -6.71
CA HIS B 75 1.86 -0.37 -6.71
C HIS B 75 1.81 -1.08 -5.38
N VAL B 76 1.66 -2.43 -5.39
CA VAL B 76 1.58 -3.22 -4.17
C VAL B 76 2.70 -4.26 -4.24
N GLY B 77 3.64 -4.20 -3.31
CA GLY B 77 4.76 -5.12 -3.19
C GLY B 77 4.59 -5.96 -1.93
N VAL B 78 5.36 -7.04 -1.87
CA VAL B 78 5.24 -8.01 -0.81
C VAL B 78 6.61 -8.27 -0.19
N THR B 79 6.63 -8.44 1.13
CA THR B 79 7.82 -8.77 1.88
C THR B 79 7.53 -10.06 2.64
N PRO B 80 8.32 -11.14 2.41
CA PRO B 80 8.11 -12.36 3.18
C PRO B 80 8.48 -12.22 4.65
N VAL B 81 7.70 -12.85 5.51
CA VAL B 81 8.02 -12.92 6.95
C VAL B 81 7.86 -14.34 7.40
N ARG B 82 8.75 -14.80 8.27
CA ARG B 82 8.60 -16.11 8.94
C ARG B 82 7.57 -16.01 10.07
N ILE B 83 6.55 -16.87 10.01
CA ILE B 83 5.41 -16.83 10.92
C ILE B 83 5.66 -17.86 12.02
N ALA B 84 5.50 -17.45 13.28
CA ALA B 84 5.92 -18.29 14.40
C ALA B 84 4.81 -19.25 14.80
N SER C 2 -2.04 -0.93 15.00
CA SER C 2 -1.29 0.05 14.16
C SER C 2 -1.63 1.54 14.37
N HIS C 3 -0.58 2.33 14.48
CA HIS C 3 -0.70 3.77 14.66
C HIS C 3 -0.47 4.55 13.38
N MET C 4 -0.30 3.84 12.27
CA MET C 4 0.14 4.46 11.03
C MET C 4 -0.81 5.56 10.59
N ASN C 5 -2.13 5.31 10.67
CA ASN C 5 -3.08 6.28 10.13
C ASN C 5 -3.02 7.60 10.84
N ASP C 6 -2.91 7.57 12.16
CA ASP C 6 -2.77 8.82 12.93
C ASP C 6 -1.44 9.49 12.69
N VAL C 7 -0.36 8.71 12.61
CA VAL C 7 0.98 9.27 12.37
C VAL C 7 1.00 10.01 11.04
N LEU C 8 0.52 9.36 9.97
CA LEU C 8 0.62 9.97 8.64
C LEU C 8 -0.23 11.21 8.49
N VAL C 9 -1.45 11.17 8.99
CA VAL C 9 -2.33 12.31 8.88
C VAL C 9 -1.79 13.51 9.69
N ASP C 10 -1.41 13.27 10.93
CA ASP C 10 -0.94 14.34 11.81
C ASP C 10 0.36 14.93 11.33
N ALA C 11 1.28 14.10 10.88
CA ALA C 11 2.55 14.59 10.38
C ALA C 11 2.39 15.36 9.07
N TYR C 12 1.58 14.84 8.14
CA TYR C 12 1.28 15.55 6.88
C TYR C 12 0.67 16.93 7.17
N ASN C 13 -0.27 16.99 8.08
CA ASN C 13 -0.92 18.27 8.40
C ASN C 13 0.06 19.27 9.01
N ILE C 14 1.01 18.80 9.85
CA ILE C 14 1.97 19.70 10.47
C ILE C 14 2.85 20.28 9.35
N ALA C 15 3.32 19.38 8.47
CA ALA C 15 4.20 19.80 7.40
C ALA C 15 3.50 20.76 6.45
N LYS C 16 2.28 20.46 6.06
CA LYS C 16 1.62 21.25 5.01
CA LYS C 16 1.58 21.23 5.01
C LYS C 16 1.33 22.69 5.43
N ASP C 17 1.05 22.90 6.72
CA ASP C 17 0.61 24.19 7.26
C ASP C 17 1.81 25.00 7.81
N SER C 18 3.05 24.49 7.67
CA SER C 18 4.21 25.21 8.14
CA SER C 18 4.19 25.27 8.09
C SER C 18 4.40 26.41 7.15
N GLN C 19 4.72 27.58 7.68
CA GLN C 19 5.20 28.69 6.85
C GLN C 19 6.40 28.26 5.99
N HIS C 20 6.40 28.70 4.75
CA HIS C 20 7.46 28.44 3.75
C HIS C 20 7.38 27.07 3.08
N VAL C 21 6.39 26.27 3.43
CA VAL C 21 6.10 25.06 2.67
C VAL C 21 5.15 25.39 1.54
N HIS C 22 5.62 25.22 0.28
CA HIS C 22 4.72 25.37 -0.91
C HIS C 22 3.64 24.27 -0.94
N GLY C 23 4.01 23.09 -0.46
CA GLY C 23 3.13 21.91 -0.47
C GLY C 23 3.97 20.74 -0.04
N VAL C 24 3.35 19.62 0.32
CA VAL C 24 4.10 18.40 0.56
C VAL C 24 4.34 17.66 -0.76
N HIS C 25 5.58 17.20 -0.94
CA HIS C 25 5.92 16.42 -2.12
C HIS C 25 5.54 14.95 -1.86
N TYR C 26 6.16 14.34 -0.86
CA TYR C 26 5.87 12.96 -0.53
C TYR C 26 5.99 12.65 0.96
N ILE C 27 5.38 11.53 1.35
CA ILE C 27 5.37 11.09 2.74
C ILE C 27 5.47 9.57 2.72
N ARG C 28 6.27 9.03 3.62
CA ARG C 28 6.51 7.62 3.70
C ARG C 28 6.46 7.18 5.17
N GLY C 29 5.67 6.15 5.46
CA GLY C 29 5.64 5.55 6.79
C GLY C 29 6.02 4.09 6.74
N ARG C 30 6.89 3.61 7.66
CA ARG C 30 7.27 2.22 7.75
C ARG C 30 7.02 1.70 9.16
N ASN C 31 6.35 0.59 9.29
CA ASN C 31 6.10 -0.01 10.59
C ASN C 31 7.33 -0.78 10.97
N VAL C 32 7.88 -0.50 12.16
CA VAL C 32 9.00 -1.28 12.70
C VAL C 32 8.56 -1.67 14.12
N GLY C 33 8.07 -2.89 14.28
CA GLY C 33 7.49 -3.31 15.55
C GLY C 33 6.34 -2.37 15.93
N GLU C 34 6.43 -1.79 17.13
CA GLU C 34 5.47 -0.80 17.60
C GLU C 34 5.77 0.63 17.16
N ASP C 35 6.87 0.86 16.45
CA ASP C 35 7.27 2.18 16.05
C ASP C 35 6.85 2.42 14.57
N VAL C 36 6.60 3.66 14.23
CA VAL C 36 6.50 4.08 12.84
C VAL C 36 7.69 4.99 12.48
N HIS C 37 8.44 4.62 11.43
CA HIS C 37 9.54 5.47 10.95
C HIS C 37 8.96 6.31 9.82
N LEU C 38 9.20 7.61 9.86
CA LEU C 38 8.54 8.56 8.98
C LEU C 38 9.59 9.35 8.20
N ALA C 39 9.36 9.49 6.90
CA ALA C 39 10.10 10.40 6.06
C ALA C 39 9.10 11.29 5.36
N ILE C 40 9.33 12.58 5.39
CA ILE C 40 8.48 13.53 4.68
C ILE C 40 9.37 14.45 3.86
N ASN C 41 8.89 14.81 2.69
CA ASN C 41 9.63 15.75 1.82
C ASN C 41 8.71 16.88 1.43
N ILE C 42 9.17 18.11 1.62
CA ILE C 42 8.36 19.32 1.41
C ILE C 42 8.92 20.13 0.26
N TYR C 43 8.03 20.69 -0.56
CA TYR C 43 8.40 21.68 -1.58
C TYR C 43 8.67 23.01 -0.92
N VAL C 44 9.80 23.62 -1.26
CA VAL C 44 10.12 24.96 -0.78
C VAL C 44 10.59 25.79 -1.93
N ASP C 45 10.45 27.09 -1.77
CA ASP C 45 10.96 28.09 -2.72
C ASP C 45 12.44 27.89 -2.97
N ALA C 46 12.83 27.80 -4.23
CA ALA C 46 14.24 27.60 -4.61
C ALA C 46 15.17 28.76 -4.14
N ASP C 47 14.57 29.93 -3.88
CA ASP C 47 15.35 31.08 -3.41
C ASP C 47 15.53 31.15 -1.90
N LEU C 48 14.93 30.23 -1.14
CA LEU C 48 15.35 30.06 0.24
C LEU C 48 16.89 29.85 0.31
N LYS C 49 17.57 30.50 1.25
CA LYS C 49 18.98 30.19 1.54
CA LYS C 49 18.97 30.18 1.53
C LYS C 49 19.04 28.83 2.23
N VAL C 50 20.19 28.17 2.07
CA VAL C 50 20.43 26.87 2.71
C VAL C 50 20.12 26.90 4.23
N PHE C 51 20.56 27.97 4.90
CA PHE C 51 20.28 28.06 6.36
C PHE C 51 18.79 28.12 6.63
N GLU C 52 18.05 28.83 5.78
CA GLU C 52 16.62 28.97 5.97
C GLU C 52 15.87 27.67 5.71
N SER C 53 16.21 26.97 4.63
CA SER C 53 15.55 25.66 4.36
CA SER C 53 15.58 25.68 4.34
C SER C 53 15.86 24.69 5.49
N ASP C 54 17.09 24.75 6.00
CA ASP C 54 17.47 23.89 7.13
C ASP C 54 16.60 24.19 8.36
N LEU C 55 16.38 25.48 8.67
CA LEU C 55 15.51 25.87 9.79
C LEU C 55 14.06 25.37 9.60
N VAL C 56 13.54 25.46 8.38
CA VAL C 56 12.15 25.02 8.11
C VAL C 56 12.01 23.52 8.32
N ALA C 57 12.95 22.78 7.73
CA ALA C 57 12.92 21.31 7.91
C ALA C 57 13.07 20.90 9.39
N ASP C 58 13.97 21.57 10.10
CA ASP C 58 14.18 21.26 11.51
C ASP C 58 12.94 21.57 12.35
N ALA C 59 12.26 22.70 12.05
CA ALA C 59 11.07 23.07 12.80
C ALA C 59 9.93 22.07 12.63
N ILE C 60 9.80 21.55 11.41
CA ILE C 60 8.81 20.54 11.13
C ILE C 60 9.15 19.24 11.84
N ARG C 61 10.42 18.84 11.76
CA ARG C 61 10.86 17.65 12.51
C ARG C 61 10.57 17.78 14.00
N ARG C 62 10.93 18.92 14.62
CA ARG C 62 10.75 19.16 16.04
C ARG C 62 9.26 19.05 16.41
N LYS C 63 8.41 19.65 15.61
CA LYS C 63 6.99 19.69 15.90
C LYS C 63 6.36 18.31 15.78
N ILE C 64 6.76 17.56 14.76
CA ILE C 64 6.24 16.19 14.62
C ILE C 64 6.69 15.37 15.79
N GLU C 65 7.97 15.46 16.15
CA GLU C 65 8.47 14.70 17.31
C GLU C 65 7.79 15.05 18.61
N ALA C 66 7.44 16.31 18.79
CA ALA C 66 6.78 16.79 19.98
C ALA C 66 5.31 16.35 20.06
N GLU C 67 4.63 16.31 18.92
CA GLU C 67 3.17 16.21 18.90
C GLU C 67 2.59 14.90 18.42
N VAL C 68 3.36 14.10 17.69
CA VAL C 68 2.81 12.92 17.05
C VAL C 68 3.29 11.69 17.79
N ASP C 69 2.35 10.95 18.38
CA ASP C 69 2.70 9.75 19.11
C ASP C 69 3.17 8.67 18.16
N HIS C 70 4.06 7.81 18.65
CA HIS C 70 4.43 6.56 17.97
C HIS C 70 5.40 6.73 16.85
N VAL C 71 5.94 7.96 16.63
CA VAL C 71 6.94 8.12 15.62
C VAL C 71 8.36 7.93 16.16
N ARG C 72 9.20 7.45 15.27
CA ARG C 72 10.61 7.34 15.52
C ARG C 72 11.43 7.75 14.27
N ASP C 73 12.60 8.35 14.47
CA ASP C 73 13.58 8.60 13.38
C ASP C 73 13.03 9.52 12.23
N VAL C 74 12.29 10.56 12.61
CA VAL C 74 11.61 11.46 11.68
C VAL C 74 12.66 12.14 10.83
N HIS C 75 12.48 12.06 9.51
CA HIS C 75 13.34 12.76 8.58
C HIS C 75 12.49 13.70 7.73
N VAL C 76 12.91 14.97 7.61
CA VAL C 76 12.27 15.94 6.77
C VAL C 76 13.28 16.41 5.74
N GLY C 77 12.97 16.13 4.47
CA GLY C 77 13.79 16.58 3.35
C GLY C 77 13.06 17.63 2.56
N VAL C 78 13.79 18.29 1.67
CA VAL C 78 13.20 19.40 0.90
C VAL C 78 13.42 19.14 -0.55
N THR C 79 12.46 19.60 -1.36
CA THR C 79 12.60 19.68 -2.79
C THR C 79 12.45 21.18 -3.19
N PRO C 80 13.50 21.84 -3.71
CA PRO C 80 13.32 23.22 -4.21
C PRO C 80 12.46 23.28 -5.42
N VAL C 81 11.65 24.32 -5.49
CA VAL C 81 10.82 24.57 -6.66
CA VAL C 81 10.85 24.58 -6.67
C VAL C 81 11.03 26.02 -7.07
N ARG C 82 11.28 26.24 -8.35
CA ARG C 82 11.16 27.60 -8.92
C ARG C 82 9.71 28.08 -8.82
N GLY D 1 25.41 10.07 -26.72
CA GLY D 1 24.81 10.31 -25.38
C GLY D 1 24.34 9.09 -24.62
N SER D 2 23.48 8.31 -25.25
CA SER D 2 22.64 7.36 -24.55
C SER D 2 23.32 6.00 -24.32
N HIS D 3 23.12 5.46 -23.12
CA HIS D 3 23.63 4.15 -22.72
C HIS D 3 22.53 3.07 -22.69
N MET D 4 21.33 3.42 -23.20
CA MET D 4 20.18 2.53 -23.09
C MET D 4 20.44 1.17 -23.73
N ASN D 5 21.06 1.17 -24.91
CA ASN D 5 21.22 -0.12 -25.64
C ASN D 5 22.07 -1.13 -24.87
N ASP D 6 23.17 -0.67 -24.30
CA ASP D 6 24.02 -1.58 -23.48
C ASP D 6 23.30 -2.02 -22.20
N VAL D 7 22.56 -1.09 -21.56
CA VAL D 7 21.90 -1.40 -20.31
C VAL D 7 20.89 -2.51 -20.54
N LEU D 8 20.07 -2.35 -21.57
CA LEU D 8 19.00 -3.27 -21.79
C LEU D 8 19.51 -4.67 -22.15
N VAL D 9 20.51 -4.72 -23.03
CA VAL D 9 21.02 -6.01 -23.46
C VAL D 9 21.68 -6.77 -22.28
N ASP D 10 22.54 -6.07 -21.56
CA ASP D 10 23.29 -6.69 -20.47
C ASP D 10 22.38 -7.13 -19.33
N ALA D 11 21.41 -6.30 -18.99
CA ALA D 11 20.47 -6.64 -17.96
C ALA D 11 19.57 -7.82 -18.34
N TYR D 12 19.05 -7.82 -19.57
CA TYR D 12 18.21 -8.90 -20.06
C TYR D 12 18.98 -10.23 -19.98
N ASN D 13 20.22 -10.19 -20.41
CA ASN D 13 21.04 -11.41 -20.41
C ASN D 13 21.33 -11.94 -19.00
N ILE D 14 21.53 -11.06 -18.02
CA ILE D 14 21.72 -11.49 -16.63
C ILE D 14 20.46 -12.17 -16.14
N ALA D 15 19.31 -11.52 -16.35
CA ALA D 15 18.04 -12.02 -15.84
C ALA D 15 17.68 -13.34 -16.48
N LYS D 16 17.87 -13.45 -17.81
CA LYS D 16 17.43 -14.64 -18.54
C LYS D 16 18.14 -15.93 -18.09
N ASP D 17 19.42 -15.79 -17.75
CA ASP D 17 20.30 -16.91 -17.44
C ASP D 17 20.33 -17.21 -15.93
N SER D 18 19.55 -16.54 -15.11
CA SER D 18 19.56 -16.77 -13.64
C SER D 18 18.78 -18.02 -13.24
N GLN D 19 19.15 -18.58 -12.10
CA GLN D 19 18.43 -19.72 -11.52
C GLN D 19 16.93 -19.39 -11.23
N HIS D 20 16.07 -20.35 -11.60
CA HIS D 20 14.63 -20.31 -11.38
C HIS D 20 13.86 -19.45 -12.40
N VAL D 21 14.56 -18.84 -13.34
CA VAL D 21 13.90 -17.96 -14.30
C VAL D 21 13.45 -18.81 -15.49
N HIS D 22 12.13 -18.86 -15.68
CA HIS D 22 11.55 -19.55 -16.85
C HIS D 22 11.80 -18.78 -18.16
N GLY D 23 11.88 -17.47 -18.03
CA GLY D 23 12.09 -16.58 -19.17
C GLY D 23 11.85 -15.17 -18.67
N VAL D 24 12.27 -14.19 -19.46
CA VAL D 24 11.91 -12.80 -19.11
C VAL D 24 10.50 -12.49 -19.67
N HIS D 25 9.67 -11.89 -18.84
CA HIS D 25 8.35 -11.45 -19.25
C HIS D 25 8.47 -10.10 -19.96
N TYR D 26 8.95 -9.10 -19.24
CA TYR D 26 9.14 -7.79 -19.86
C TYR D 26 10.34 -7.06 -19.29
N ILE D 27 10.81 -6.07 -20.07
CA ILE D 27 11.89 -5.23 -19.66
C ILE D 27 11.56 -3.78 -20.10
N ARG D 28 11.84 -2.82 -19.22
CA ARG D 28 11.56 -1.42 -19.48
C ARG D 28 12.78 -0.59 -19.09
N GLY D 29 13.21 0.30 -19.98
CA GLY D 29 14.26 1.25 -19.65
C GLY D 29 13.73 2.64 -19.83
N ARG D 30 14.05 3.54 -18.87
CA ARG D 30 13.60 4.91 -18.92
C ARG D 30 14.84 5.82 -18.79
N ASN D 31 14.96 6.77 -19.69
CA ASN D 31 16.02 7.75 -19.58
C ASN D 31 15.55 8.83 -18.63
N VAL D 32 16.35 9.13 -17.62
CA VAL D 32 16.07 10.23 -16.68
C VAL D 32 17.32 11.08 -16.67
N GLY D 33 17.30 12.19 -17.38
CA GLY D 33 18.50 12.98 -17.59
C GLY D 33 19.59 12.12 -18.20
N GLU D 34 20.75 12.14 -17.55
CA GLU D 34 21.88 11.27 -17.95
C GLU D 34 21.83 9.85 -17.39
N ASP D 35 20.80 9.51 -16.60
CA ASP D 35 20.67 8.19 -15.96
C ASP D 35 19.69 7.24 -16.71
N VAL D 36 19.85 5.92 -16.63
CA VAL D 36 18.84 4.93 -17.07
C VAL D 36 18.23 4.22 -15.86
N HIS D 37 16.91 4.23 -15.75
CA HIS D 37 16.18 3.44 -14.76
C HIS D 37 15.63 2.18 -15.44
N LEU D 38 15.75 1.04 -14.78
CA LEU D 38 15.38 -0.23 -15.36
C LEU D 38 14.33 -0.98 -14.49
N ALA D 39 13.33 -1.56 -15.14
CA ALA D 39 12.39 -2.51 -14.54
C ALA D 39 12.39 -3.77 -15.38
N ILE D 40 12.55 -4.93 -14.72
CA ILE D 40 12.52 -6.20 -15.38
C ILE D 40 11.57 -7.12 -14.61
N ASN D 41 10.83 -7.92 -15.35
CA ASN D 41 9.91 -8.89 -14.76
C ASN D 41 10.22 -10.22 -15.33
N ILE D 42 10.41 -11.21 -14.43
CA ILE D 42 10.79 -12.57 -14.81
C ILE D 42 9.63 -13.51 -14.54
N TYR D 43 9.45 -14.46 -15.43
CA TYR D 43 8.58 -15.61 -15.20
C TYR D 43 9.24 -16.61 -14.26
N VAL D 44 8.50 -17.06 -13.24
CA VAL D 44 8.96 -18.08 -12.33
C VAL D 44 7.80 -19.10 -12.13
N ASP D 45 8.17 -20.29 -11.69
CA ASP D 45 7.19 -21.33 -11.30
C ASP D 45 6.16 -20.72 -10.33
N ALA D 46 4.88 -20.93 -10.63
CA ALA D 46 3.77 -20.52 -9.75
C ALA D 46 3.84 -21.05 -8.32
N ASP D 47 4.49 -22.21 -8.17
CA ASP D 47 4.63 -22.85 -6.86
C ASP D 47 5.90 -22.53 -6.08
N LEU D 48 6.80 -21.71 -6.62
CA LEU D 48 7.92 -21.19 -5.84
C LEU D 48 7.35 -20.48 -4.63
N LYS D 49 7.98 -20.62 -3.49
CA LYS D 49 7.60 -19.83 -2.30
C LYS D 49 8.03 -18.39 -2.43
N VAL D 50 7.27 -17.49 -1.82
CA VAL D 50 7.60 -16.06 -1.79
CA VAL D 50 7.67 -16.07 -1.94
C VAL D 50 9.06 -15.78 -1.35
N PHE D 51 9.49 -16.51 -0.31
CA PHE D 51 10.86 -16.33 0.21
C PHE D 51 11.89 -16.62 -0.90
N GLU D 52 11.61 -17.66 -1.66
CA GLU D 52 12.52 -18.04 -2.77
C GLU D 52 12.49 -17.07 -3.91
N SER D 53 11.30 -16.63 -4.33
CA SER D 53 11.20 -15.71 -5.42
C SER D 53 11.85 -14.36 -5.03
N ASP D 54 11.71 -13.97 -3.76
CA ASP D 54 12.34 -12.75 -3.22
C ASP D 54 13.86 -12.82 -3.31
N LEU D 55 14.44 -13.98 -2.93
CA LEU D 55 15.91 -14.20 -3.11
C LEU D 55 16.38 -14.12 -4.57
N VAL D 56 15.63 -14.74 -5.49
CA VAL D 56 15.94 -14.69 -6.93
C VAL D 56 15.92 -13.25 -7.45
N ALA D 57 14.83 -12.54 -7.16
CA ALA D 57 14.73 -11.17 -7.63
C ALA D 57 15.86 -10.31 -7.06
N ASP D 58 16.16 -10.48 -5.79
CA ASP D 58 17.22 -9.69 -5.14
C ASP D 58 18.59 -10.00 -5.73
N ALA D 59 18.86 -11.26 -6.01
CA ALA D 59 20.15 -11.64 -6.62
C ALA D 59 20.34 -11.06 -8.04
N ILE D 60 19.28 -11.05 -8.83
CA ILE D 60 19.30 -10.49 -10.19
C ILE D 60 19.54 -8.99 -10.04
N ARG D 61 18.78 -8.34 -9.17
CA ARG D 61 18.97 -6.91 -8.95
C ARG D 61 20.42 -6.58 -8.59
N ARG D 62 20.98 -7.30 -7.64
CA ARG D 62 22.35 -7.06 -7.18
C ARG D 62 23.35 -7.22 -8.33
N LYS D 63 23.16 -8.25 -9.13
CA LYS D 63 24.10 -8.54 -10.20
C LYS D 63 24.03 -7.51 -11.28
N ILE D 64 22.83 -7.07 -11.61
CA ILE D 64 22.68 -5.99 -12.61
C ILE D 64 23.34 -4.71 -12.09
N GLU D 65 23.02 -4.35 -10.85
CA GLU D 65 23.66 -3.15 -10.24
C GLU D 65 25.18 -3.20 -10.22
N ALA D 66 25.73 -4.38 -9.97
CA ALA D 66 27.17 -4.57 -9.92
C ALA D 66 27.83 -4.51 -11.31
N GLU D 67 27.18 -5.08 -12.33
CA GLU D 67 27.83 -5.38 -13.62
C GLU D 67 27.50 -4.41 -14.72
N VAL D 68 26.35 -3.78 -14.65
CA VAL D 68 25.83 -3.03 -15.77
C VAL D 68 26.09 -1.56 -15.50
N ASP D 69 26.95 -0.97 -16.32
CA ASP D 69 27.24 0.46 -16.22
C ASP D 69 26.01 1.31 -16.57
N HIS D 70 25.93 2.47 -15.94
CA HIS D 70 24.98 3.50 -16.30
C HIS D 70 23.56 3.22 -15.92
N VAL D 71 23.33 2.13 -15.19
CA VAL D 71 22.01 1.91 -14.72
C VAL D 71 21.98 2.51 -13.33
N ARG D 72 20.90 3.22 -13.03
CA ARG D 72 20.75 3.83 -11.74
C ARG D 72 19.82 2.88 -11.02
N ASP D 73 18.51 3.13 -10.99
CA ASP D 73 17.63 2.28 -10.19
C ASP D 73 17.29 1.04 -10.96
N VAL D 74 17.24 -0.09 -10.26
CA VAL D 74 16.83 -1.38 -10.82
C VAL D 74 15.72 -2.02 -9.99
N HIS D 75 14.61 -2.37 -10.65
CA HIS D 75 13.53 -3.09 -10.01
C HIS D 75 13.33 -4.42 -10.72
N VAL D 76 13.24 -5.51 -9.94
CA VAL D 76 13.02 -6.84 -10.51
C VAL D 76 11.73 -7.41 -9.90
N GLY D 77 10.74 -7.67 -10.75
CA GLY D 77 9.46 -8.25 -10.31
C GLY D 77 9.32 -9.65 -10.89
N VAL D 78 8.31 -10.36 -10.41
CA VAL D 78 8.09 -11.75 -10.85
C VAL D 78 6.67 -11.94 -11.29
N THR D 79 6.48 -12.83 -12.26
CA THR D 79 5.20 -13.23 -12.74
C THR D 79 5.10 -14.75 -12.64
N PRO D 80 4.07 -15.25 -11.98
CA PRO D 80 3.97 -16.72 -11.84
C PRO D 80 3.49 -17.36 -13.12
N VAL D 81 4.00 -18.54 -13.40
CA VAL D 81 3.50 -19.37 -14.50
CA VAL D 81 3.52 -19.36 -14.54
C VAL D 81 3.25 -20.76 -14.01
N ARG D 82 2.03 -21.21 -14.23
CA ARG D 82 1.63 -22.61 -14.03
C ARG D 82 1.52 -23.31 -15.40
N ILE D 83 2.48 -24.16 -15.71
CA ILE D 83 2.42 -24.86 -17.00
C ILE D 83 1.28 -25.88 -17.03
N ALA D 84 1.18 -26.73 -16.00
CA ALA D 84 0.15 -27.75 -15.92
C ALA D 84 -0.91 -27.40 -14.87
MG MG E . -10.73 4.24 -9.97
#